data_3RWX
#
_entry.id   3RWX
#
_cell.length_a   154.154
_cell.length_b   154.154
_cell.length_c   40.164
_cell.angle_alpha   90.000
_cell.angle_beta   90.000
_cell.angle_gamma   120.000
#
_symmetry.space_group_name_H-M   'P 31 2 1'
#
loop_
_entity.id
_entity.type
_entity.pdbx_description
1 polymer 'Hypothetical bacterial outer membrane protein'
2 non-polymer 'SULFATE ION'
3 non-polymer GLYCEROL
4 water water
#
_entity_poly.entity_id   1
_entity_poly.type   'polypeptide(L)'
_entity_poly.pdbx_seq_one_letter_code
;GNNDDDGTN(MLY)AQEIAG(MLY)YEGYSIGNCA(MSE)FTDYV(MSE)GE(MLY)SVATIVPNEDGTINVTYDSGSGE
F(MLY)LNNI(MLY)VTS(MLY)TFEGSGQVELS(MSE)ND(MLY)PAGA(MLY)DFTLTGSIDEQQ(MLY)LTL(MLY)
VNVPSV(MSE)GGLTIEFIQGTLPISYHVSGTYN(MLY)EANLSVSVGSTTYPDITDC(MLY)VSI(MLY)RSSDDTVEL
TL(MLY)GLSNLNSSQTGRA(MSE)NLGDFTVTDV(MLY)VTSTDNSIF(MLY)IEGSINTTDTNNTPITGTLSGTVSNS
ETNITFTF(MLY)PGA(MSE)PIDITA(MSE)F(MLY)G(MLY)(MLY)
;
_entity_poly.pdbx_strand_id   A
#
loop_
_chem_comp.id
_chem_comp.type
_chem_comp.name
_chem_comp.formula
GOL non-polymer GLYCEROL 'C3 H8 O3'
SO4 non-polymer 'SULFATE ION' 'O4 S -2'
#
# COMPACT_ATOMS: atom_id res chain seq x y z
N THR A 8 -33.88 -15.11 19.37
CA THR A 8 -32.89 -14.20 18.67
C THR A 8 -32.87 -14.38 17.15
N ASN A 9 -33.30 -13.34 16.46
CA ASN A 9 -33.44 -13.39 15.01
C ASN A 9 -32.07 -13.21 14.29
N MLY A 10 -32.08 -13.34 12.97
CA MLY A 10 -30.85 -13.42 12.18
CB MLY A 10 -31.10 -14.06 10.80
CG MLY A 10 -31.06 -15.59 10.91
CD MLY A 10 -31.04 -16.41 9.59
CE MLY A 10 -29.94 -17.50 9.55
NZ MLY A 10 -30.27 -18.69 8.68
CH1 MLY A 10 -30.76 -18.30 7.34
CH2 MLY A 10 -29.07 -19.56 8.53
C MLY A 10 -30.16 -12.08 12.15
O MLY A 10 -28.95 -12.03 12.12
N ALA A 11 -30.93 -10.99 12.17
CA ALA A 11 -30.40 -9.63 12.22
C ALA A 11 -29.60 -9.35 13.50
N GLN A 12 -30.07 -9.85 14.63
CA GLN A 12 -29.38 -9.67 15.89
C GLN A 12 -28.08 -10.44 15.97
N GLU A 13 -28.09 -11.60 15.31
CA GLU A 13 -26.94 -12.48 15.21
C GLU A 13 -25.75 -11.77 14.57
N ILE A 14 -26.00 -10.76 13.73
CA ILE A 14 -24.90 -10.02 13.09
C ILE A 14 -24.83 -8.52 13.49
N ALA A 15 -25.71 -8.10 14.38
CA ALA A 15 -25.74 -6.72 14.86
C ALA A 15 -24.38 -6.30 15.45
N GLY A 16 -24.02 -5.05 15.22
CA GLY A 16 -22.83 -4.48 15.86
C GLY A 16 -22.08 -3.37 15.14
N MLY A 17 -21.11 -2.82 15.85
CA MLY A 17 -20.16 -1.85 15.32
CB MLY A 17 -19.89 -0.75 16.33
CG MLY A 17 -19.08 0.44 15.84
CD MLY A 17 -18.75 1.36 17.00
CE MLY A 17 -17.94 2.59 16.60
NZ MLY A 17 -17.60 3.45 17.78
CH1 MLY A 17 -16.41 4.25 17.43
CH2 MLY A 17 -18.74 4.31 18.13
C MLY A 17 -18.90 -2.63 15.06
O MLY A 17 -18.38 -3.30 15.95
N TYR A 18 -18.43 -2.53 13.82
CA TYR A 18 -17.25 -3.21 13.39
C TYR A 18 -16.26 -2.18 12.90
N GLU A 19 -15.01 -2.33 13.31
CA GLU A 19 -13.98 -1.32 13.01
C GLU A 19 -12.85 -1.90 12.19
N GLY A 20 -12.36 -1.12 11.25
CA GLY A 20 -11.20 -1.54 10.50
C GLY A 20 -10.77 -0.51 9.51
N TYR A 21 -10.39 -0.99 8.32
CA TYR A 21 -9.87 -0.10 7.29
C TYR A 21 -10.42 -0.48 5.93
N SER A 22 -10.26 0.42 4.97
CA SER A 22 -10.87 0.25 3.68
C SER A 22 -9.85 0.42 2.58
N ILE A 23 -9.88 -0.52 1.64
CA ILE A 23 -8.95 -0.60 0.54
C ILE A 23 -9.71 -0.51 -0.78
N GLY A 24 -9.19 0.29 -1.70
CA GLY A 24 -9.84 0.54 -2.99
C GLY A 24 -9.08 0.03 -4.20
N ASN A 25 -9.83 -0.42 -5.20
CA ASN A 25 -9.27 -0.95 -6.45
C ASN A 25 -10.18 -0.46 -7.55
N CYS A 26 -9.59 0.06 -8.63
CA CYS A 26 -10.29 0.37 -9.87
C CYS A 26 -9.36 0.08 -11.05
N ALA A 27 -9.71 0.53 -12.25
CA ALA A 27 -8.92 0.26 -13.45
C ALA A 27 -7.55 0.93 -13.37
N MSE A 28 -7.48 2.01 -12.60
CA MSE A 28 -6.29 2.85 -12.54
C MSE A 28 -5.38 2.66 -11.34
O MSE A 28 -4.22 3.05 -11.37
CB MSE A 28 -6.72 4.29 -12.64
CG MSE A 28 -7.15 4.56 -14.05
SE MSE A 28 -8.29 6.00 -14.09
CE MSE A 28 -9.88 4.99 -14.52
N PHE A 29 -5.90 2.11 -10.27
CA PHE A 29 -5.03 1.83 -9.15
C PHE A 29 -5.51 0.63 -8.41
N THR A 30 -4.60 0.03 -7.68
CA THR A 30 -4.94 -1.10 -6.85
CA THR A 30 -4.91 -1.12 -6.87
C THR A 30 -4.42 -0.89 -5.44
N ASP A 31 -5.05 -1.55 -4.48
CA ASP A 31 -4.63 -1.55 -3.07
C ASP A 31 -4.42 -0.16 -2.46
N TYR A 32 -5.37 0.73 -2.70
CA TYR A 32 -5.29 2.09 -2.25
C TYR A 32 -6.09 2.26 -0.95
N VAL A 33 -5.54 2.94 0.03
CA VAL A 33 -6.24 3.12 1.28
C VAL A 33 -7.30 4.21 1.16
N MSE A 34 -8.56 3.81 1.30
CA MSE A 34 -9.68 4.73 1.24
C MSE A 34 -9.97 5.29 2.62
O MSE A 34 -10.60 6.33 2.76
CB MSE A 34 -10.92 4.03 0.71
CG MSE A 34 -10.75 3.39 -0.62
SE MSE A 34 -10.72 4.64 -2.11
CE MSE A 34 -12.58 5.11 -2.29
N GLY A 35 -9.53 4.55 3.64
CA GLY A 35 -9.66 5.01 5.03
C GLY A 35 -8.99 4.06 5.99
N GLU A 36 -8.36 4.61 7.02
CA GLU A 36 -7.66 3.82 8.02
C GLU A 36 -8.53 3.45 9.18
N MLY A 37 -9.52 4.29 9.51
CA MLY A 37 -10.37 4.04 10.67
CB MLY A 37 -10.08 5.13 11.71
CG MLY A 37 -8.65 5.00 12.31
CD MLY A 37 -8.64 5.38 13.82
C MLY A 37 -11.82 3.97 10.26
O MLY A 37 -12.64 4.76 10.73
N SER A 38 -12.14 3.04 9.38
CA SER A 38 -13.48 2.90 8.86
C SER A 38 -14.38 2.23 9.88
N VAL A 39 -15.68 2.49 9.81
CA VAL A 39 -16.67 1.90 10.74
C VAL A 39 -17.84 1.36 9.95
N ALA A 40 -18.25 0.13 10.23
CA ALA A 40 -19.52 -0.40 9.68
C ALA A 40 -20.43 -0.74 10.84
N THR A 41 -21.68 -0.28 10.76
CA THR A 41 -22.66 -0.46 11.81
C THR A 41 -23.88 -1.17 11.25
N ILE A 42 -24.25 -2.27 11.87
CA ILE A 42 -25.40 -3.05 11.48
C ILE A 42 -26.39 -3.04 12.64
N VAL A 43 -27.58 -2.48 12.41
CA VAL A 43 -28.56 -2.32 13.45
C VAL A 43 -29.91 -2.96 13.03
N PRO A 44 -30.41 -3.93 13.81
CA PRO A 44 -31.72 -4.54 13.58
C PRO A 44 -32.92 -3.61 13.68
N ASN A 45 -33.90 -3.83 12.81
CA ASN A 45 -35.18 -3.13 12.86
C ASN A 45 -36.19 -4.02 13.54
N GLU A 46 -37.33 -3.45 13.94
CA GLU A 46 -38.37 -4.25 14.61
C GLU A 46 -38.84 -5.43 13.75
N ASP A 47 -38.88 -5.28 12.43
CA ASP A 47 -39.37 -6.33 11.52
C ASP A 47 -38.34 -7.39 11.17
N GLY A 48 -37.14 -7.33 11.77
CA GLY A 48 -36.09 -8.31 11.45
C GLY A 48 -35.16 -7.97 10.29
N THR A 49 -35.35 -6.81 9.66
CA THR A 49 -34.39 -6.32 8.69
C THR A 49 -33.26 -5.55 9.42
N ILE A 50 -32.26 -5.11 8.65
CA ILE A 50 -31.18 -4.32 9.20
C ILE A 50 -30.97 -3.04 8.40
N ASN A 51 -30.46 -2.03 9.11
CA ASN A 51 -29.87 -0.87 8.50
C ASN A 51 -28.35 -0.96 8.64
N VAL A 52 -27.65 -0.66 7.56
CA VAL A 52 -26.20 -0.73 7.53
C VAL A 52 -25.69 0.67 7.21
N THR A 53 -24.74 1.13 8.01
CA THR A 53 -24.00 2.34 7.70
C THR A 53 -22.50 1.97 7.61
N TYR A 54 -21.88 2.25 6.47
CA TYR A 54 -20.49 1.96 6.26
C TYR A 54 -19.76 3.25 5.93
N ASP A 55 -19.02 3.76 6.90
CA ASP A 55 -18.18 4.93 6.70
CA ASP A 55 -18.18 4.94 6.71
C ASP A 55 -16.81 4.45 6.28
N SER A 56 -16.54 4.52 4.98
CA SER A 56 -15.34 3.97 4.42
C SER A 56 -14.16 4.85 4.62
N GLY A 57 -14.39 6.14 4.89
CA GLY A 57 -13.35 7.15 4.92
C GLY A 57 -13.25 7.95 3.64
N SER A 58 -13.80 7.44 2.55
CA SER A 58 -13.86 8.19 1.31
C SER A 58 -15.29 8.13 0.77
N GLY A 59 -16.25 8.06 1.69
CA GLY A 59 -17.64 7.93 1.32
C GLY A 59 -18.40 7.10 2.32
N GLU A 60 -19.61 7.53 2.65
CA GLU A 60 -20.50 6.82 3.54
C GLU A 60 -21.60 6.11 2.76
N PHE A 61 -21.65 4.78 2.90
CA PHE A 61 -22.57 3.93 2.19
C PHE A 61 -23.70 3.48 3.11
N MLY A 62 -24.96 3.83 2.80
CA MLY A 62 -26.11 3.50 3.65
CB MLY A 62 -26.91 4.73 4.10
CG MLY A 62 -26.23 5.65 5.11
CD MLY A 62 -27.27 6.62 5.69
CE MLY A 62 -26.68 7.83 6.44
NZ MLY A 62 -27.72 8.68 7.08
CH1 MLY A 62 -28.67 9.23 6.08
CH2 MLY A 62 -28.46 7.91 8.13
C MLY A 62 -27.14 2.59 2.98
O MLY A 62 -27.51 2.81 1.84
N LEU A 63 -27.59 1.57 3.69
CA LEU A 63 -28.70 0.76 3.23
C LEU A 63 -29.72 0.62 4.35
N ASN A 64 -30.98 0.65 3.99
CA ASN A 64 -32.05 0.53 4.94
C ASN A 64 -32.97 -0.66 4.63
N ASN A 65 -33.48 -1.30 5.69
CA ASN A 65 -34.52 -2.34 5.56
C ASN A 65 -34.13 -3.52 4.68
N ILE A 66 -32.91 -3.98 4.85
CA ILE A 66 -32.36 -5.10 4.11
C ILE A 66 -32.59 -6.39 4.87
N MLY A 67 -32.88 -7.45 4.12
CA MLY A 67 -33.10 -8.76 4.71
CA MLY A 67 -33.10 -8.80 4.66
CB MLY A 67 -34.13 -9.47 3.82
CB MLY A 67 -33.89 -9.65 3.66
CG MLY A 67 -35.50 -8.78 3.96
CG MLY A 67 -35.26 -9.05 3.29
CD MLY A 67 -36.25 -8.54 2.65
CD MLY A 67 -36.21 -10.05 2.61
CE MLY A 67 -37.54 -7.75 2.82
CE MLY A 67 -37.67 -9.58 2.77
NZ MLY A 67 -37.42 -6.33 2.42
NZ MLY A 67 -38.66 -10.51 2.21
CH1 MLY A 67 -37.81 -5.43 3.52
CH1 MLY A 67 -39.83 -9.72 1.79
CH2 MLY A 67 -36.04 -6.03 2.00
CH2 MLY A 67 -38.11 -11.29 1.08
C MLY A 67 -31.79 -9.50 4.91
O MLY A 67 -30.84 -9.24 4.23
N VAL A 68 -31.73 -10.40 5.89
CA VAL A 68 -30.52 -11.17 6.18
C VAL A 68 -30.71 -12.66 5.91
N THR A 69 -29.73 -13.28 5.25
CA THR A 69 -29.73 -14.74 4.96
C THR A 69 -28.38 -15.41 5.23
N SER A 70 -28.38 -16.44 6.04
CA SER A 70 -27.16 -17.18 6.36
C SER A 70 -25.99 -16.21 6.67
N MLY A 71 -26.26 -15.22 7.53
CA MLY A 71 -25.24 -14.25 7.96
CB MLY A 71 -24.08 -14.93 8.70
CG MLY A 71 -24.49 -15.50 10.06
CD MLY A 71 -23.27 -16.05 10.80
CE MLY A 71 -23.59 -16.20 12.28
NZ MLY A 71 -22.38 -16.59 13.04
CH1 MLY A 71 -21.73 -15.38 13.62
CH2 MLY A 71 -22.75 -17.58 14.08
C MLY A 71 -24.68 -13.39 6.84
O MLY A 71 -23.55 -12.92 6.90
N THR A 72 -25.50 -13.16 5.83
CA THR A 72 -25.10 -12.47 4.62
C THR A 72 -26.17 -11.47 4.28
N PHE A 73 -25.77 -10.38 3.65
CA PHE A 73 -26.72 -9.40 3.17
C PHE A 73 -26.18 -8.68 1.96
N GLU A 74 -27.08 -8.00 1.26
CA GLU A 74 -26.71 -7.23 0.10
C GLU A 74 -27.74 -6.17 -0.19
N GLY A 75 -27.36 -5.18 -0.99
CA GLY A 75 -28.29 -4.15 -1.38
C GLY A 75 -27.64 -3.09 -2.23
N SER A 76 -28.43 -2.14 -2.69
CA SER A 76 -27.93 -1.07 -3.52
C SER A 76 -28.39 0.29 -3.03
N GLY A 77 -27.72 1.35 -3.46
CA GLY A 77 -28.07 2.69 -3.08
C GLY A 77 -27.20 3.71 -3.80
N GLN A 78 -27.11 4.90 -3.21
CA GLN A 78 -26.36 6.02 -3.76
CA GLN A 78 -26.36 5.99 -3.78
C GLN A 78 -25.34 6.53 -2.75
N VAL A 79 -24.16 6.91 -3.22
CA VAL A 79 -23.12 7.42 -2.35
C VAL A 79 -22.56 8.70 -2.95
N GLU A 80 -22.25 9.66 -2.08
CA GLU A 80 -21.44 10.80 -2.46
C GLU A 80 -19.98 10.54 -2.04
N LEU A 81 -19.15 10.15 -3.00
CA LEU A 81 -17.73 9.88 -2.75
C LEU A 81 -16.94 11.13 -2.31
N SER A 82 -16.02 10.92 -1.38
CA SER A 82 -15.12 11.98 -0.95
C SER A 82 -13.71 11.44 -0.86
N MSE A 83 -13.14 11.08 -1.99
CA MSE A 83 -11.71 10.83 -2.05
C MSE A 83 -10.97 12.16 -1.94
O MSE A 83 -9.85 12.21 -1.42
CB MSE A 83 -11.36 10.06 -3.32
CG MSE A 83 -11.78 8.61 -3.18
SE MSE A 83 -11.63 7.58 -4.80
CE MSE A 83 -13.32 8.13 -5.55
N ASN A 84 -11.63 13.23 -2.40
CA ASN A 84 -11.28 14.62 -2.08
C ASN A 84 -12.49 15.46 -1.62
N ASP A 85 -12.22 16.67 -1.16
CA ASP A 85 -13.27 17.55 -0.65
C ASP A 85 -14.36 17.90 -1.70
N MLY A 86 -14.00 17.89 -2.98
CA MLY A 86 -14.84 18.46 -4.07
CB MLY A 86 -14.09 18.44 -5.41
CG MLY A 86 -12.76 19.21 -5.41
CD MLY A 86 -12.22 19.44 -6.83
CE MLY A 86 -10.71 19.20 -6.95
NZ MLY A 86 -10.12 19.98 -8.05
CH1 MLY A 86 -8.65 19.87 -8.02
CH2 MLY A 86 -10.62 19.55 -9.36
C MLY A 86 -16.22 17.82 -4.24
O MLY A 86 -16.40 16.60 -4.02
N PRO A 87 -17.23 18.65 -4.65
CA PRO A 87 -18.64 18.17 -4.71
C PRO A 87 -18.88 17.01 -5.71
N ALA A 88 -18.53 15.80 -5.27
CA ALA A 88 -18.70 14.56 -6.06
C ALA A 88 -20.15 14.10 -6.01
N GLY A 89 -20.87 14.32 -7.11
CA GLY A 89 -22.30 14.02 -7.21
C GLY A 89 -22.61 12.56 -6.95
N ALA A 90 -23.88 12.27 -6.74
CA ALA A 90 -24.31 10.96 -6.29
C ALA A 90 -24.09 9.89 -7.34
N MLY A 91 -23.53 8.75 -6.92
CA MLY A 91 -23.36 7.58 -7.78
CB MLY A 91 -21.88 7.31 -7.98
CG MLY A 91 -21.16 8.45 -8.69
CD MLY A 91 -21.66 8.61 -10.12
CE MLY A 91 -20.61 9.24 -11.03
NZ MLY A 91 -21.19 10.37 -11.76
CH1 MLY A 91 -20.70 11.63 -11.15
CH2 MLY A 91 -20.82 10.25 -13.19
C MLY A 91 -23.99 6.35 -7.22
O MLY A 91 -24.08 6.16 -6.01
N ASP A 92 -24.45 5.46 -8.10
CA ASP A 92 -25.09 4.21 -7.69
C ASP A 92 -24.05 3.22 -7.20
N PHE A 93 -24.40 2.46 -6.16
CA PHE A 93 -23.54 1.41 -5.71
C PHE A 93 -24.30 0.18 -5.33
N THR A 94 -23.62 -0.96 -5.35
CA THR A 94 -24.13 -2.19 -4.76
C THR A 94 -23.17 -2.62 -3.64
N LEU A 95 -23.71 -3.24 -2.59
CA LEU A 95 -22.92 -3.66 -1.43
C LEU A 95 -23.26 -5.08 -1.03
N THR A 96 -22.24 -5.87 -0.71
CA THR A 96 -22.43 -7.22 -0.19
CA THR A 96 -22.42 -7.21 -0.18
C THR A 96 -21.68 -7.28 1.12
N GLY A 97 -22.18 -8.06 2.08
CA GLY A 97 -21.54 -8.20 3.38
C GLY A 97 -21.79 -9.57 3.96
N SER A 98 -20.86 -10.05 4.77
CA SER A 98 -21.05 -11.31 5.48
C SER A 98 -20.21 -11.35 6.74
N ILE A 99 -20.69 -12.08 7.74
CA ILE A 99 -19.97 -12.23 8.98
C ILE A 99 -19.53 -13.67 9.04
N ASP A 100 -18.23 -13.89 9.24
CA ASP A 100 -17.69 -15.24 9.28
C ASP A 100 -17.89 -15.86 10.66
N GLU A 101 -17.51 -17.13 10.78
CA GLU A 101 -17.73 -17.91 12.00
CA GLU A 101 -17.78 -17.88 12.02
C GLU A 101 -17.04 -17.32 13.25
N GLN A 102 -15.96 -16.56 13.03
CA GLN A 102 -15.28 -15.87 14.15
C GLN A 102 -15.83 -14.45 14.38
N GLN A 103 -17.01 -14.17 13.85
CA GLN A 103 -17.69 -12.88 14.07
C GLN A 103 -16.99 -11.68 13.39
N MLY A 104 -16.20 -11.94 12.34
CA MLY A 104 -15.55 -10.85 11.59
CB MLY A 104 -14.09 -11.12 11.16
CG MLY A 104 -13.21 -11.65 12.31
CD MLY A 104 -12.82 -10.59 13.35
CE MLY A 104 -12.24 -11.19 14.64
NZ MLY A 104 -12.19 -10.17 15.74
CH1 MLY A 104 -13.43 -10.20 16.58
CH2 MLY A 104 -11.00 -10.34 16.60
C MLY A 104 -16.34 -10.47 10.37
O MLY A 104 -16.89 -11.33 9.67
N LEU A 105 -16.41 -9.18 10.12
CA LEU A 105 -17.20 -8.64 9.04
C LEU A 105 -16.33 -8.49 7.83
N THR A 106 -16.87 -8.97 6.71
CA THR A 106 -16.29 -8.66 5.44
C THR A 106 -17.36 -7.96 4.62
N LEU A 107 -16.94 -6.91 3.95
CA LEU A 107 -17.85 -6.05 3.26
C LEU A 107 -17.17 -5.50 2.00
N MLY A 108 -17.93 -5.43 0.91
CA MLY A 108 -17.41 -4.97 -0.38
CB MLY A 108 -17.12 -6.16 -1.28
CG MLY A 108 -15.63 -6.38 -1.46
CD MLY A 108 -15.35 -7.24 -2.70
CE MLY A 108 -13.86 -7.49 -2.88
NZ MLY A 108 -13.66 -8.75 -3.61
CH1 MLY A 108 -12.59 -8.57 -4.62
CH2 MLY A 108 -13.37 -9.83 -2.62
C MLY A 108 -18.46 -4.16 -1.09
O MLY A 108 -19.61 -4.56 -1.15
N VAL A 109 -18.05 -3.04 -1.64
CA VAL A 109 -18.96 -2.22 -2.40
C VAL A 109 -18.41 -2.04 -3.81
N ASN A 110 -19.32 -2.02 -4.77
CA ASN A 110 -18.99 -1.76 -6.17
CA ASN A 110 -19.00 -1.77 -6.17
C ASN A 110 -19.66 -0.46 -6.61
N VAL A 111 -18.86 0.43 -7.20
CA VAL A 111 -19.38 1.63 -7.84
C VAL A 111 -18.94 1.53 -9.28
N PRO A 112 -19.74 0.85 -10.12
CA PRO A 112 -19.31 0.49 -11.48
C PRO A 112 -19.18 1.67 -12.46
N SER A 113 -19.86 2.78 -12.20
CA SER A 113 -19.83 3.92 -13.11
C SER A 113 -18.61 4.84 -12.98
N VAL A 114 -17.72 4.59 -12.03
CA VAL A 114 -16.58 5.46 -11.88
C VAL A 114 -15.30 4.69 -12.12
N MSE A 115 -14.38 5.35 -12.82
CA MSE A 115 -13.01 4.89 -13.00
C MSE A 115 -12.85 3.44 -13.41
O MSE A 115 -11.99 2.75 -12.89
CB MSE A 115 -12.25 5.16 -11.72
CG MSE A 115 -12.13 6.63 -11.46
SE MSE A 115 -11.12 6.94 -9.87
CE MSE A 115 -12.42 6.53 -8.52
N GLY A 116 -13.65 3.01 -14.36
CA GLY A 116 -13.55 1.66 -14.88
C GLY A 116 -14.17 0.62 -13.97
N GLY A 117 -14.79 1.03 -12.87
CA GLY A 117 -15.25 0.08 -11.87
C GLY A 117 -14.46 0.17 -10.59
N LEU A 118 -15.00 0.87 -9.61
CA LEU A 118 -14.36 1.03 -8.32
C LEU A 118 -14.93 0.03 -7.33
N THR A 119 -14.07 -0.78 -6.72
CA THR A 119 -14.51 -1.60 -5.61
C THR A 119 -13.83 -1.11 -4.32
N ILE A 120 -14.56 -1.16 -3.22
CA ILE A 120 -14.00 -0.85 -1.92
C ILE A 120 -14.28 -2.02 -0.98
N GLU A 121 -13.23 -2.53 -0.33
CA GLU A 121 -13.34 -3.59 0.67
C GLU A 121 -13.12 -3.08 2.10
N PHE A 122 -14.00 -3.48 3.01
CA PHE A 122 -13.82 -3.26 4.43
C PHE A 122 -13.12 -4.46 4.97
N ILE A 123 -12.00 -4.25 5.66
CA ILE A 123 -11.27 -5.29 6.36
C ILE A 123 -11.20 -4.93 7.84
N GLN A 124 -11.63 -5.84 8.69
CA GLN A 124 -11.76 -5.56 10.08
C GLN A 124 -10.38 -5.59 10.72
N GLY A 125 -10.15 -4.70 11.68
CA GLY A 125 -8.89 -4.67 12.41
C GLY A 125 -7.99 -3.51 12.07
N THR A 126 -6.73 -3.60 12.47
CA THR A 126 -5.82 -2.49 12.34
CA THR A 126 -5.79 -2.48 12.31
C THR A 126 -5.10 -2.55 10.95
N LEU A 127 -4.88 -1.40 10.34
CA LEU A 127 -4.14 -1.28 9.10
C LEU A 127 -2.74 -1.93 9.16
N PRO A 128 -2.43 -2.81 8.22
CA PRO A 128 -1.08 -3.39 8.24
C PRO A 128 0.05 -2.38 8.10
N ILE A 129 1.16 -2.64 8.76
CA ILE A 129 2.21 -1.64 8.86
C ILE A 129 2.82 -1.39 7.48
N SER A 130 2.83 -2.40 6.61
CA SER A 130 3.41 -2.20 5.30
C SER A 130 2.74 -1.09 4.47
N TYR A 131 1.48 -0.74 4.76
CA TYR A 131 0.85 0.39 4.08
C TYR A 131 1.52 1.70 4.41
N HIS A 132 2.23 1.78 5.52
CA HIS A 132 2.89 3.03 5.86
C HIS A 132 4.20 3.24 5.09
N VAL A 133 4.66 2.25 4.33
CA VAL A 133 5.87 2.48 3.52
C VAL A 133 5.70 2.32 2.02
N SER A 134 4.66 1.62 1.58
CA SER A 134 4.46 1.37 0.17
C SER A 134 4.18 2.66 -0.61
N GLY A 135 4.60 2.69 -1.87
CA GLY A 135 4.40 3.87 -2.72
C GLY A 135 5.54 4.07 -3.71
N THR A 136 5.48 5.15 -4.48
CA THR A 136 6.49 5.46 -5.46
C THR A 136 7.22 6.74 -5.06
N TYR A 137 8.49 6.62 -4.73
CA TYR A 137 9.25 7.73 -4.22
C TYR A 137 10.10 8.29 -5.36
N ASN A 138 9.49 9.16 -6.15
CA ASN A 138 10.16 9.72 -7.31
C ASN A 138 10.21 11.23 -7.31
N MLY A 139 9.83 11.87 -6.21
CA MLY A 139 9.86 13.33 -6.11
CB MLY A 139 8.56 13.85 -5.51
CG MLY A 139 7.32 13.43 -6.32
CD MLY A 139 5.98 13.79 -5.68
CE MLY A 139 4.81 13.06 -6.36
NZ MLY A 139 3.46 13.59 -6.03
CH1 MLY A 139 2.42 12.68 -6.59
CH2 MLY A 139 3.30 13.67 -4.55
C MLY A 139 11.05 13.77 -5.33
O MLY A 139 11.41 13.12 -4.35
N GLU A 140 11.68 14.87 -5.74
CA GLU A 140 12.90 15.39 -5.14
C GLU A 140 13.93 14.27 -4.90
N ALA A 141 14.14 13.47 -5.91
CA ALA A 141 14.89 12.24 -5.73
C ALA A 141 16.35 12.45 -6.06
N ASN A 142 17.19 11.73 -5.35
CA ASN A 142 18.63 11.76 -5.58
C ASN A 142 19.21 10.43 -5.22
N LEU A 143 20.17 9.97 -6.02
CA LEU A 143 20.89 8.74 -5.76
C LEU A 143 22.39 9.02 -5.88
N SER A 144 23.10 8.80 -4.79
CA SER A 144 24.52 9.11 -4.70
C SER A 144 25.28 7.81 -4.44
N VAL A 145 26.22 7.51 -5.31
CA VAL A 145 26.88 6.23 -5.33
C VAL A 145 28.34 6.42 -5.05
N SER A 146 28.91 5.57 -4.21
CA SER A 146 30.34 5.65 -3.96
C SER A 146 30.95 4.28 -3.85
N VAL A 147 32.23 4.23 -4.23
CA VAL A 147 33.02 3.00 -4.08
C VAL A 147 34.43 3.46 -3.74
N GLY A 148 34.97 2.88 -2.68
CA GLY A 148 36.27 3.30 -2.20
C GLY A 148 36.28 4.81 -1.98
N SER A 149 37.30 5.47 -2.48
CA SER A 149 37.46 6.93 -2.38
C SER A 149 36.71 7.71 -3.47
N THR A 150 35.93 7.06 -4.31
CA THR A 150 35.20 7.74 -5.36
C THR A 150 33.77 8.00 -4.98
N THR A 151 33.31 9.21 -5.23
CA THR A 151 31.88 9.51 -5.18
C THR A 151 31.46 10.07 -6.53
N TYR A 152 30.47 9.43 -7.11
CA TYR A 152 30.04 9.75 -8.46
C TYR A 152 29.14 10.98 -8.49
N PRO A 153 28.94 11.56 -9.68
CA PRO A 153 27.95 12.62 -9.73
C PRO A 153 26.56 12.12 -9.29
N ASP A 154 25.79 13.02 -8.71
CA ASP A 154 24.42 12.73 -8.36
C ASP A 154 23.61 12.26 -9.56
N ILE A 155 22.80 11.23 -9.34
CA ILE A 155 21.81 10.81 -10.29
C ILE A 155 20.49 11.40 -9.84
N THR A 156 19.85 12.16 -10.72
CA THR A 156 18.50 12.67 -10.43
C THR A 156 17.39 11.96 -11.20
N ASP A 157 17.74 11.14 -12.18
CA ASP A 157 16.76 10.29 -12.83
C ASP A 157 16.74 8.94 -12.14
N CYS A 158 15.91 8.80 -11.11
CA CYS A 158 15.88 7.60 -10.30
C CYS A 158 14.65 7.54 -9.49
N MLY A 159 14.36 6.38 -8.94
CA MLY A 159 13.26 6.24 -8.01
CB MLY A 159 11.89 6.39 -8.65
CG MLY A 159 11.53 5.34 -9.71
CD MLY A 159 10.35 5.91 -10.50
CE MLY A 159 9.72 4.99 -11.51
NZ MLY A 159 8.58 5.79 -12.04
CH1 MLY A 159 8.82 6.21 -13.43
CH2 MLY A 159 7.30 5.09 -11.82
C MLY A 159 13.28 4.94 -7.30
O MLY A 159 13.92 3.99 -7.71
N VAL A 160 12.55 4.90 -6.20
CA VAL A 160 12.37 3.66 -5.50
C VAL A 160 10.90 3.44 -5.44
N SER A 161 10.49 2.21 -5.72
CA SER A 161 9.09 1.79 -5.59
C SER A 161 8.98 0.74 -4.55
N ILE A 162 7.99 0.88 -3.68
CA ILE A 162 7.76 -0.10 -2.63
C ILE A 162 6.35 -0.66 -2.69
N MLY A 163 6.28 -1.98 -2.77
CA MLY A 163 5.04 -2.73 -2.91
CB MLY A 163 5.15 -3.57 -4.21
CG MLY A 163 3.90 -4.31 -4.69
CD MLY A 163 4.17 -5.33 -5.84
CE MLY A 163 2.87 -5.91 -6.44
NZ MLY A 163 2.99 -7.27 -7.07
CH1 MLY A 163 4.16 -7.36 -7.97
CH2 MLY A 163 3.02 -8.34 -6.04
C MLY A 163 4.85 -3.62 -1.71
O MLY A 163 5.80 -4.30 -1.27
N ARG A 164 3.63 -3.66 -1.17
CA ARG A 164 3.29 -4.60 -0.09
C ARG A 164 3.41 -6.05 -0.53
N SER A 165 4.06 -6.87 0.29
CA SER A 165 4.12 -8.32 0.08
C SER A 165 3.40 -9.07 1.19
N SER A 166 3.31 -8.48 2.38
CA SER A 166 2.59 -9.09 3.50
C SER A 166 2.29 -7.99 4.51
N ASP A 167 1.80 -8.35 5.68
CA ASP A 167 1.46 -7.34 6.67
C ASP A 167 2.64 -6.47 7.02
N ASP A 168 3.83 -7.05 7.11
CA ASP A 168 5.02 -6.33 7.56
C ASP A 168 6.26 -6.54 6.68
N THR A 169 6.07 -6.96 5.43
CA THR A 169 7.17 -7.06 4.49
C THR A 169 6.79 -6.36 3.18
N VAL A 170 7.80 -5.92 2.45
CA VAL A 170 7.59 -5.23 1.20
C VAL A 170 8.64 -5.63 0.20
N GLU A 171 8.36 -5.26 -1.03
CA GLU A 171 9.24 -5.52 -2.16
C GLU A 171 9.65 -4.16 -2.67
N LEU A 172 10.94 -3.97 -2.85
CA LEU A 172 11.48 -2.64 -3.09
C LEU A 172 12.31 -2.65 -4.36
N THR A 173 11.98 -1.80 -5.32
CA THR A 173 12.73 -1.74 -6.56
C THR A 173 13.52 -0.46 -6.66
N LEU A 174 14.84 -0.55 -6.85
CA LEU A 174 15.63 0.68 -7.13
C LEU A 174 15.90 0.81 -8.60
N MLY A 175 15.47 1.94 -9.15
CA MLY A 175 15.76 2.30 -10.52
CB MLY A 175 14.49 2.58 -11.32
CG MLY A 175 13.48 1.45 -11.26
CD MLY A 175 12.48 1.54 -12.43
CE MLY A 175 11.62 0.28 -12.48
NZ MLY A 175 10.62 0.29 -13.58
CH1 MLY A 175 11.27 0.33 -14.92
CH2 MLY A 175 9.75 -0.91 -13.39
C MLY A 175 16.60 3.53 -10.55
O MLY A 175 16.39 4.46 -9.77
N GLY A 176 17.57 3.55 -11.47
CA GLY A 176 18.40 4.73 -11.68
C GLY A 176 19.87 4.46 -11.77
N LEU A 177 20.33 3.31 -11.29
CA LEU A 177 21.76 3.01 -11.33
C LEU A 177 22.29 2.97 -12.75
N SER A 178 21.43 2.69 -13.74
CA SER A 178 21.86 2.72 -15.14
CA SER A 178 21.83 2.72 -15.15
C SER A 178 22.32 4.09 -15.60
N ASN A 179 21.95 5.14 -14.87
CA ASN A 179 22.32 6.50 -15.25
C ASN A 179 23.62 7.02 -14.64
N LEU A 180 24.36 6.11 -14.02
CA LEU A 180 25.58 6.46 -13.33
C LEU A 180 26.62 6.96 -14.29
N ASN A 181 27.20 8.12 -14.05
CA ASN A 181 28.29 8.60 -14.91
C ASN A 181 29.58 8.57 -14.19
N SER A 182 30.68 8.65 -14.96
CA SER A 182 32.02 8.61 -14.37
CA SER A 182 32.02 8.60 -14.38
C SER A 182 32.30 9.83 -13.52
N SER A 183 33.22 9.65 -12.58
CA SER A 183 33.78 10.70 -11.76
C SER A 183 35.15 11.04 -12.31
N GLN A 184 35.64 12.22 -11.98
CA GLN A 184 37.02 12.56 -12.30
C GLN A 184 37.99 11.52 -11.73
N THR A 185 37.65 10.93 -10.59
CA THR A 185 38.53 9.98 -9.91
C THR A 185 38.28 8.49 -10.26
N GLY A 186 37.32 8.21 -11.15
CA GLY A 186 37.04 6.81 -11.50
C GLY A 186 35.89 6.59 -12.48
N ARG A 187 35.98 5.49 -13.22
CA ARG A 187 34.95 5.11 -14.17
C ARG A 187 33.73 4.57 -13.47
N ALA A 188 32.58 4.70 -14.10
CA ALA A 188 31.39 4.13 -13.55
C ALA A 188 31.33 2.63 -13.87
N MSE A 189 30.48 1.95 -13.12
CA MSE A 189 30.16 0.55 -13.37
CA MSE A 189 30.14 0.55 -13.35
C MSE A 189 28.85 0.45 -14.12
O MSE A 189 27.93 1.26 -13.93
CB MSE A 189 30.04 -0.19 -12.05
CB MSE A 189 29.95 -0.16 -12.02
CG MSE A 189 31.32 -0.20 -11.22
CG MSE A 189 31.01 -1.16 -11.69
SE MSE A 189 30.92 -0.06 -9.33
SE MSE A 189 30.16 -2.73 -10.92
CE MSE A 189 29.93 1.60 -9.41
CE MSE A 189 29.97 -3.86 -12.53
N ASN A 190 28.73 -0.56 -14.98
CA ASN A 190 27.48 -0.87 -15.63
C ASN A 190 26.53 -1.56 -14.64
N LEU A 191 25.47 -0.85 -14.22
CA LEU A 191 24.51 -1.39 -13.23
C LEU A 191 23.09 -1.14 -13.68
N GLY A 192 22.19 -2.07 -13.37
CA GLY A 192 20.79 -1.99 -13.82
C GLY A 192 19.85 -1.73 -12.65
N ASP A 193 18.55 -1.87 -12.92
CA ASP A 193 17.53 -1.86 -11.91
C ASP A 193 17.55 -3.16 -11.13
N PHE A 194 17.20 -3.13 -9.84
CA PHE A 194 16.94 -4.38 -9.11
C PHE A 194 15.82 -4.28 -8.09
N THR A 195 15.34 -5.45 -7.69
CA THR A 195 14.21 -5.59 -6.80
C THR A 195 14.64 -6.45 -5.63
N VAL A 196 14.38 -5.96 -4.42
CA VAL A 196 14.72 -6.67 -3.19
C VAL A 196 13.42 -7.11 -2.58
N THR A 197 13.20 -8.42 -2.49
CA THR A 197 11.97 -8.93 -1.90
C THR A 197 12.24 -9.08 -0.40
N ASP A 198 11.15 -9.29 0.34
CA ASP A 198 11.24 -9.73 1.74
CA ASP A 198 11.17 -9.69 1.74
C ASP A 198 11.87 -8.68 2.66
N VAL A 199 11.67 -7.40 2.37
CA VAL A 199 12.21 -6.30 3.18
C VAL A 199 11.28 -6.09 4.35
N MLY A 200 11.82 -6.04 5.57
CA MLY A 200 11.00 -6.01 6.77
CB MLY A 200 11.66 -6.79 7.92
CG MLY A 200 10.65 -6.98 9.06
CD MLY A 200 10.92 -8.20 9.96
CE MLY A 200 10.07 -8.13 11.26
NZ MLY A 200 10.82 -8.41 12.53
CH1 MLY A 200 12.12 -7.66 12.68
CH2 MLY A 200 9.90 -8.13 13.66
C MLY A 200 10.68 -4.60 7.18
O MLY A 200 11.52 -3.71 7.10
N VAL A 201 9.44 -4.39 7.64
CA VAL A 201 8.94 -3.08 8.06
C VAL A 201 8.66 -3.08 9.56
N THR A 202 9.27 -2.14 10.28
CA THR A 202 9.06 -2.01 11.72
C THR A 202 8.94 -0.55 12.09
N SER A 203 8.48 -0.29 13.31
CA SER A 203 8.42 1.05 13.85
C SER A 203 8.19 1.01 15.35
N THR A 204 8.91 1.86 16.09
CA THR A 204 8.75 1.95 17.54
C THR A 204 7.74 3.02 17.92
N ASP A 205 7.31 3.84 16.96
CA ASP A 205 6.40 4.98 17.25
C ASP A 205 5.26 5.23 16.27
N ASN A 206 5.10 4.38 15.27
CA ASN A 206 4.08 4.57 14.24
C ASN A 206 4.20 5.92 13.51
N SER A 207 5.42 6.45 13.45
CA SER A 207 5.68 7.70 12.74
C SER A 207 6.94 7.62 11.85
N ILE A 208 8.02 7.04 12.38
CA ILE A 208 9.17 6.73 11.57
C ILE A 208 9.15 5.24 11.32
N PHE A 209 9.19 4.82 10.08
CA PHE A 209 9.19 3.40 9.75
C PHE A 209 10.52 2.93 9.21
N MLY A 210 11.02 1.85 9.80
CA MLY A 210 12.33 1.28 9.44
CB MLY A 210 12.93 0.61 10.67
CG MLY A 210 14.44 0.78 10.87
CD MLY A 210 15.19 -0.48 11.36
CE MLY A 210 15.56 -0.49 12.85
NZ MLY A 210 16.19 -1.79 13.24
CH1 MLY A 210 17.64 -1.60 13.45
CH2 MLY A 210 15.54 -2.40 14.43
C MLY A 210 12.11 0.25 8.36
O MLY A 210 11.22 -0.58 8.47
N ILE A 211 12.89 0.30 7.30
CA ILE A 211 12.89 -0.79 6.33
C ILE A 211 14.29 -1.38 6.25
N GLU A 212 14.35 -2.70 6.30
CA GLU A 212 15.61 -3.41 6.34
C GLU A 212 15.51 -4.76 5.69
N GLY A 213 16.55 -5.12 4.95
CA GLY A 213 16.69 -6.50 4.52
C GLY A 213 17.98 -6.80 3.81
N SER A 214 18.26 -8.08 3.70
CA SER A 214 19.40 -8.52 2.94
C SER A 214 19.02 -8.51 1.47
N ILE A 215 20.02 -8.33 0.62
CA ILE A 215 19.85 -8.29 -0.83
C ILE A 215 20.55 -9.48 -1.45
N ASN A 216 19.82 -10.24 -2.25
CA ASN A 216 20.39 -11.43 -2.86
C ASN A 216 19.59 -11.74 -4.10
N THR A 217 19.99 -11.11 -5.21
CA THR A 217 19.21 -11.11 -6.42
C THR A 217 20.13 -10.87 -7.60
N THR A 218 19.57 -10.46 -8.73
CA THR A 218 20.33 -10.11 -9.93
C THR A 218 19.69 -8.85 -10.52
N ASP A 219 20.47 -7.99 -11.14
CA ASP A 219 19.89 -6.77 -11.69
C ASP A 219 19.35 -7.03 -13.09
N THR A 220 18.86 -6.00 -13.78
CA THR A 220 18.25 -6.19 -15.09
C THR A 220 19.21 -6.52 -16.21
N ASN A 221 20.53 -6.44 -15.98
CA ASN A 221 21.51 -7.06 -16.90
C ASN A 221 22.00 -8.43 -16.44
N ASN A 222 21.39 -9.00 -15.41
CA ASN A 222 21.74 -10.32 -14.91
C ASN A 222 23.02 -10.37 -14.08
N THR A 223 23.48 -9.20 -13.62
CA THR A 223 24.63 -9.12 -12.73
C THR A 223 24.15 -9.50 -11.33
N PRO A 224 24.81 -10.46 -10.67
CA PRO A 224 24.39 -10.74 -9.29
C PRO A 224 24.56 -9.52 -8.38
N ILE A 225 23.65 -9.35 -7.42
CA ILE A 225 23.72 -8.27 -6.45
C ILE A 225 23.53 -8.87 -5.08
N THR A 226 24.52 -8.71 -4.22
CA THR A 226 24.50 -9.25 -2.85
C THR A 226 24.80 -8.13 -1.84
N GLY A 227 24.06 -8.10 -0.75
CA GLY A 227 24.35 -7.14 0.29
C GLY A 227 23.17 -6.86 1.18
N THR A 228 23.01 -5.62 1.57
CA THR A 228 22.02 -5.23 2.57
CA THR A 228 21.99 -5.25 2.53
C THR A 228 21.49 -3.84 2.26
N LEU A 229 20.32 -3.54 2.78
CA LEU A 229 19.80 -2.21 2.70
C LEU A 229 19.15 -1.84 4.02
N SER A 230 19.14 -0.55 4.27
CA SER A 230 18.61 -0.02 5.49
C SER A 230 18.08 1.37 5.23
N GLY A 231 16.84 1.65 5.63
CA GLY A 231 16.30 2.98 5.44
C GLY A 231 15.12 3.32 6.31
N THR A 232 14.56 4.50 6.09
CA THR A 232 13.42 4.96 6.84
C THR A 232 12.41 5.61 5.91
N VAL A 233 11.14 5.55 6.30
CA VAL A 233 10.09 6.32 5.66
C VAL A 233 9.44 7.15 6.74
N SER A 234 9.16 8.42 6.45
CA SER A 234 8.39 9.23 7.34
C SER A 234 7.75 10.41 6.60
N ASN A 235 6.44 10.58 6.79
CA ASN A 235 5.67 11.65 6.12
C ASN A 235 6.04 11.81 4.63
N SER A 236 5.90 10.71 3.91
CA SER A 236 6.16 10.66 2.47
C SER A 236 7.63 10.70 2.04
N GLU A 237 8.59 10.83 2.97
CA GLU A 237 10.01 10.90 2.59
CA GLU A 237 10.01 10.90 2.60
C GLU A 237 10.72 9.60 2.93
N THR A 238 11.56 9.12 2.03
CA THR A 238 12.37 7.97 2.33
C THR A 238 13.86 8.30 2.18
N ASN A 239 14.67 7.58 2.94
CA ASN A 239 16.12 7.68 2.90
C ASN A 239 16.58 6.25 3.06
N ILE A 240 17.34 5.75 2.09
CA ILE A 240 17.72 4.35 2.07
C ILE A 240 19.18 4.26 1.68
N THR A 241 19.94 3.47 2.42
CA THR A 241 21.32 3.16 2.05
C THR A 241 21.36 1.72 1.60
N PHE A 242 21.85 1.49 0.38
CA PHE A 242 22.03 0.16 -0.13
C PHE A 242 23.53 -0.08 -0.12
N THR A 243 23.97 -1.22 0.43
CA THR A 243 25.38 -1.59 0.46
C THR A 243 25.45 -2.95 -0.22
N PHE A 244 26.05 -3.00 -1.39
CA PHE A 244 26.02 -4.24 -2.15
C PHE A 244 27.26 -4.45 -2.97
N MLY A 245 27.43 -5.69 -3.39
CA MLY A 245 28.56 -6.13 -4.20
CB MLY A 245 29.30 -7.15 -3.32
CG MLY A 245 29.99 -8.34 -4.01
CD MLY A 245 30.38 -9.44 -3.01
CE MLY A 245 31.45 -10.41 -3.55
NZ MLY A 245 31.40 -11.77 -2.92
CH1 MLY A 245 32.70 -12.47 -3.11
CH2 MLY A 245 31.03 -11.75 -1.49
C MLY A 245 27.96 -6.66 -5.50
O MLY A 245 27.12 -7.55 -5.48
N PRO A 246 28.35 -6.09 -6.63
CA PRO A 246 28.00 -6.64 -7.93
C PRO A 246 28.98 -7.70 -8.38
N GLY A 247 28.47 -8.84 -8.81
CA GLY A 247 29.32 -9.89 -9.32
C GLY A 247 30.23 -10.37 -8.21
N ALA A 248 31.50 -10.53 -8.56
CA ALA A 248 32.53 -11.00 -7.63
C ALA A 248 33.40 -9.83 -7.14
N MSE A 249 32.87 -8.62 -7.18
CA MSE A 249 33.66 -7.44 -6.83
C MSE A 249 34.05 -7.47 -5.34
O MSE A 249 33.21 -7.60 -4.47
CB MSE A 249 32.91 -6.16 -7.17
CG MSE A 249 33.79 -4.93 -7.23
SE MSE A 249 32.75 -3.32 -7.66
CE MSE A 249 32.91 -3.42 -9.54
N PRO A 250 35.35 -7.35 -5.06
CA PRO A 250 35.85 -7.52 -3.70
C PRO A 250 35.68 -6.32 -2.79
N ILE A 251 34.99 -5.30 -3.24
CA ILE A 251 34.62 -4.17 -2.39
C ILE A 251 33.14 -3.87 -2.61
N ASP A 252 32.47 -3.41 -1.57
CA ASP A 252 31.09 -3.01 -1.67
C ASP A 252 30.97 -1.64 -2.30
N ILE A 253 29.80 -1.39 -2.84
CA ILE A 253 29.38 -0.11 -3.32
C ILE A 253 28.32 0.38 -2.34
N THR A 254 28.20 1.69 -2.18
CA THR A 254 27.15 2.26 -1.36
C THR A 254 26.30 3.19 -2.22
N ALA A 255 24.99 3.05 -2.14
CA ALA A 255 24.12 3.97 -2.84
C ALA A 255 23.16 4.56 -1.85
N MSE A 256 23.19 5.87 -1.71
CA MSE A 256 22.24 6.54 -0.86
C MSE A 256 21.17 7.20 -1.70
O MSE A 256 21.46 8.08 -2.52
CB MSE A 256 22.95 7.58 -0.01
CG MSE A 256 23.89 6.94 0.95
SE MSE A 256 24.64 8.25 2.10
CE MSE A 256 23.41 8.17 3.63
N PHE A 257 19.94 6.77 -1.46
CA PHE A 257 18.77 7.32 -2.10
C PHE A 257 17.95 8.16 -1.14
N MLY A 258 17.44 9.27 -1.65
CA MLY A 258 16.39 10.01 -0.98
CB MLY A 258 16.94 11.20 -0.18
CG MLY A 258 17.60 12.28 -1.02
CD MLY A 258 18.17 13.43 -0.18
CE MLY A 258 19.02 14.40 -1.04
NZ MLY A 258 19.67 15.48 -0.24
CH1 MLY A 258 20.52 16.33 -1.12
CH2 MLY A 258 18.65 16.32 0.43
C MLY A 258 15.36 10.43 -1.99
O MLY A 258 15.70 10.74 -3.11
N GLY A 259 14.09 10.41 -1.60
CA GLY A 259 13.00 10.87 -2.41
C GLY A 259 11.70 10.94 -1.65
N MLY A 260 10.70 11.58 -2.26
CA MLY A 260 9.37 11.68 -1.69
CB MLY A 260 9.00 13.14 -1.46
CG MLY A 260 10.00 13.91 -0.61
CD MLY A 260 9.46 15.31 -0.29
CE MLY A 260 10.45 16.15 0.54
NZ MLY A 260 9.71 17.19 1.32
CH1 MLY A 260 10.69 18.12 1.92
CH2 MLY A 260 8.72 17.94 0.50
C MLY A 260 8.32 11.08 -2.58
O MLY A 260 8.43 11.11 -3.81
N MLY A 261 7.31 10.51 -1.96
CA MLY A 261 6.14 10.02 -2.68
CB MLY A 261 5.62 8.71 -2.08
CG MLY A 261 4.85 8.85 -0.78
CD MLY A 261 4.33 7.48 -0.38
CE MLY A 261 3.75 7.47 1.02
NZ MLY A 261 3.25 6.11 1.32
CH1 MLY A 261 3.46 5.80 2.74
CH2 MLY A 261 1.82 5.99 0.96
C MLY A 261 5.08 11.10 -2.72
O MLY A 261 5.18 12.11 -2.02
OXT MLY A 261 4.10 11.00 -3.47
S SO4 B . 8.35 2.71 -14.51
O1 SO4 B . 7.79 1.36 -14.50
O2 SO4 B . 9.58 2.75 -13.74
O3 SO4 B . 7.31 3.54 -13.94
O4 SO4 B . 8.68 3.18 -15.86
S SO4 C . -9.62 7.81 7.73
O1 SO4 C . -8.28 7.34 7.34
O2 SO4 C . -10.18 8.63 6.65
O3 SO4 C . -10.50 6.67 8.04
O4 SO4 C . -9.48 8.64 8.93
C1 GOL D . 16.23 -10.32 -1.50
O1 GOL D . 17.20 -9.98 -2.46
C2 GOL D . 16.59 -11.62 -0.79
O2 GOL D . 16.69 -12.67 -1.73
C3 GOL D . 15.53 -11.95 0.25
O3 GOL D . 15.01 -13.23 0.02
C1 GOL E . 22.41 12.46 -0.01
O1 GOL E . 21.17 11.81 -0.15
C2 GOL E . 22.96 12.07 1.35
O2 GOL E . 23.33 10.71 1.29
C3 GOL E . 21.90 12.36 2.45
O3 GOL E . 22.47 12.46 3.76
C1 GOL F . -0.78 5.11 3.68
O1 GOL F . -1.38 5.90 2.68
C2 GOL F . -1.21 5.63 5.04
O2 GOL F . -2.59 5.91 4.93
C3 GOL F . -0.40 6.86 5.41
O3 GOL F . 0.85 6.49 5.99
C1 GOL G . 16.04 3.81 -15.11
O1 GOL G . 15.34 2.58 -15.22
C2 GOL G . 15.12 5.05 -15.07
O2 GOL G . 15.61 6.05 -15.95
C3 GOL G . 14.99 5.65 -13.66
O3 GOL G . 13.67 6.04 -13.37
C1 GOL H . 2.82 2.36 -5.88
O1 GOL H . 1.87 2.55 -4.85
C2 GOL H . 3.08 0.88 -6.10
O2 GOL H . 3.09 0.19 -4.88
C3 GOL H . 4.41 0.70 -6.81
O3 GOL H . 4.73 -0.66 -6.97
C1 GOL I . -36.98 -14.20 11.67
O1 GOL I . -36.80 -12.80 11.77
C2 GOL I . -35.81 -14.90 12.36
O2 GOL I . -34.62 -14.60 11.66
C3 GOL I . -36.01 -16.40 12.42
O3 GOL I . -35.52 -16.87 13.65
C1 GOL J . 18.85 6.70 7.22
O1 GOL J . 17.47 6.84 7.51
C2 GOL J . 19.30 5.24 7.02
O2 GOL J . 18.74 4.40 8.01
C3 GOL J . 20.85 5.15 7.08
O3 GOL J . 21.31 3.84 7.38
#